data_5POR
#
_entry.id   5POR
#
_cell.length_a   55.554
_cell.length_b   56.537
_cell.length_c   101.630
_cell.angle_alpha   90.000
_cell.angle_beta   90.000
_cell.angle_gamma   90.000
#
_symmetry.space_group_name_H-M   'P 21 21 21'
#
loop_
_entity.id
_entity.type
_entity.pdbx_description
1 polymer 'Bromodomain-containing protein 1'
2 non-polymer 1,2-ETHANEDIOL
3 non-polymer 4-acetyl-piperazin-2-one
4 non-polymer 'SODIUM ION'
5 water water
#
_entity_poly.entity_id   1
_entity_poly.type   'polypeptide(L)'
_entity_poly.pdbx_seq_one_letter_code
;MHHHHHHSSGVDLGTENLYFQSMEQVAMELRLTELTRLLRSVLDQLQDKDPARIFAQPVSLKEVPDYLDHIKHPMDFATM
RKRLEAQGYKNLHEFEEDFDLIIDNCMKYNARDTVFYRAAVRLRDQGGVVLRQARREVDSIGLEEASGMHLPERPA
;
_entity_poly.pdbx_strand_id   A,B
#
loop_
_chem_comp.id
_chem_comp.type
_chem_comp.name
_chem_comp.formula
EDO non-polymer 1,2-ETHANEDIOL 'C2 H6 O2'
NA non-polymer 'SODIUM ION' 'Na 1'
PW3 non-polymer 4-acetyl-piperazin-2-one 'C6 H10 N2 O2'
#
# COMPACT_ATOMS: atom_id res chain seq x y z
N SER A 22 -2.93 34.08 -15.50
CA SER A 22 -3.65 33.72 -16.72
C SER A 22 -5.07 33.27 -16.41
N MET A 23 -5.94 33.32 -17.40
CA MET A 23 -7.30 32.84 -17.20
CA MET A 23 -7.31 32.85 -17.20
C MET A 23 -7.32 31.33 -16.97
N GLU A 24 -6.42 30.62 -17.65
CA GLU A 24 -6.36 29.17 -17.50
C GLU A 24 -6.02 28.76 -16.06
N GLN A 25 -5.06 29.45 -15.45
CA GLN A 25 -4.67 29.14 -14.09
C GLN A 25 -5.84 29.32 -13.13
N VAL A 26 -6.62 30.38 -13.33
CA VAL A 26 -7.82 30.63 -12.53
C VAL A 26 -8.85 29.51 -12.68
N ALA A 27 -9.10 29.11 -13.93
CA ALA A 27 -10.05 28.04 -14.23
C ALA A 27 -9.64 26.76 -13.52
N MET A 28 -8.35 26.47 -13.57
CA MET A 28 -7.77 25.31 -12.89
C MET A 28 -8.04 25.35 -11.40
N GLU A 29 -7.79 26.52 -10.82
CA GLU A 29 -7.97 26.70 -9.38
C GLU A 29 -9.44 26.61 -8.99
N LEU A 30 -10.34 26.99 -9.91
CA LEU A 30 -11.77 26.82 -9.66
C LEU A 30 -12.11 25.34 -9.61
N ARG A 31 -11.49 24.57 -10.51
CA ARG A 31 -11.70 23.12 -10.54
C ARG A 31 -11.19 22.47 -9.26
N LEU A 32 -9.97 22.81 -8.87
CA LEU A 32 -9.39 22.30 -7.62
C LEU A 32 -10.23 22.70 -6.41
N THR A 33 -10.72 23.94 -6.39
CA THR A 33 -11.58 24.40 -5.31
C THR A 33 -12.85 23.58 -5.27
N GLU A 34 -13.37 23.24 -6.44
CA GLU A 34 -14.60 22.46 -6.50
C GLU A 34 -14.35 21.00 -6.12
N LEU A 35 -13.19 20.48 -6.50
CA LEU A 35 -12.79 19.13 -6.08
C LEU A 35 -12.70 19.09 -4.57
N THR A 36 -12.07 20.12 -4.00
CA THR A 36 -11.94 20.24 -2.56
C THR A 36 -13.31 20.27 -1.90
N ARG A 37 -14.26 20.98 -2.51
CA ARG A 37 -15.62 21.03 -2.02
C ARG A 37 -16.24 19.63 -1.98
N LEU A 38 -16.06 18.88 -3.07
CA LEU A 38 -16.60 17.53 -3.18
C LEU A 38 -15.92 16.59 -2.17
N LEU A 39 -14.60 16.67 -2.07
CA LEU A 39 -13.85 15.82 -1.15
C LEU A 39 -14.16 16.15 0.30
N ARG A 40 -14.47 17.40 0.59
CA ARG A 40 -14.85 17.78 1.95
C ARG A 40 -16.16 17.09 2.33
N SER A 41 -17.07 16.97 1.37
CA SER A 41 -18.34 16.29 1.58
C SER A 41 -18.13 14.79 1.73
N VAL A 42 -17.29 14.22 0.87
CA VAL A 42 -16.91 12.82 0.98
C VAL A 42 -16.27 12.53 2.35
N LEU A 43 -15.35 13.39 2.77
CA LEU A 43 -14.66 13.20 4.04
C LEU A 43 -15.66 13.21 5.19
N ASP A 44 -16.63 14.10 5.13
CA ASP A 44 -17.63 14.18 6.18
C ASP A 44 -18.49 12.93 6.22
N GLN A 45 -18.82 12.40 5.05
CA GLN A 45 -19.62 11.19 4.98
C GLN A 45 -18.86 9.97 5.48
N LEU A 46 -17.56 9.93 5.22
CA LEU A 46 -16.74 8.81 5.67
C LEU A 46 -16.56 8.85 7.18
N GLN A 47 -16.32 10.04 7.70
CA GLN A 47 -16.11 10.17 9.15
C GLN A 47 -17.38 9.87 9.94
N ASP A 48 -18.55 10.04 9.32
CA ASP A 48 -19.80 9.68 9.98
C ASP A 48 -19.88 8.18 10.26
N LYS A 49 -19.14 7.40 9.46
CA LYS A 49 -19.14 5.96 9.61
C LYS A 49 -18.16 5.50 10.68
N ASP A 50 -17.62 6.47 11.42
CA ASP A 50 -16.73 6.25 12.57
C ASP A 50 -17.29 6.97 13.80
N PRO A 51 -18.46 6.52 14.28
CA PRO A 51 -19.09 7.24 15.39
C PRO A 51 -18.25 7.18 16.66
N ALA A 52 -17.49 6.09 16.80
CA ALA A 52 -16.64 5.91 17.97
C ALA A 52 -15.42 6.84 17.95
N ARG A 53 -15.18 7.50 16.82
CA ARG A 53 -14.06 8.42 16.62
C ARG A 53 -12.70 7.76 16.86
N ILE A 54 -12.61 6.48 16.50
CA ILE A 54 -11.37 5.73 16.63
C ILE A 54 -10.31 6.28 15.66
N PHE A 55 -10.77 6.86 14.55
CA PHE A 55 -9.84 7.32 13.51
C PHE A 55 -9.76 8.85 13.38
N ALA A 56 -10.33 9.55 14.36
CA ALA A 56 -10.42 11.01 14.32
C ALA A 56 -9.07 11.71 14.43
N GLN A 57 -8.16 11.14 15.21
CA GLN A 57 -6.89 11.80 15.54
C GLN A 57 -5.70 10.87 15.31
N PRO A 58 -4.48 11.44 15.16
CA PRO A 58 -3.30 10.57 15.05
C PRO A 58 -3.18 9.63 16.24
N VAL A 59 -2.74 8.39 15.99
CA VAL A 59 -2.38 7.51 17.09
C VAL A 59 -1.33 8.19 17.96
N SER A 60 -1.60 8.28 19.25
CA SER A 60 -0.73 8.96 20.21
C SER A 60 0.61 8.26 20.41
N LEU A 61 1.69 8.96 20.08
CA LEU A 61 3.02 8.38 20.23
C LEU A 61 3.43 8.41 21.70
N LYS A 62 2.63 9.07 22.52
CA LYS A 62 2.80 9.00 23.97
C LYS A 62 2.19 7.73 24.54
N GLU A 63 1.00 7.38 24.05
CA GLU A 63 0.29 6.20 24.52
C GLU A 63 0.65 4.92 23.77
N VAL A 64 1.17 5.08 22.55
CA VAL A 64 1.69 3.96 21.78
C VAL A 64 3.10 4.30 21.30
N PRO A 65 4.08 4.24 22.22
CA PRO A 65 5.42 4.76 21.90
C PRO A 65 6.15 4.02 20.78
N ASP A 66 5.80 2.76 20.51
CA ASP A 66 6.48 2.01 19.46
C ASP A 66 5.76 2.05 18.11
N TYR A 67 4.75 2.91 17.98
CA TYR A 67 3.85 2.84 16.82
C TYR A 67 4.60 2.98 15.49
N LEU A 68 5.58 3.88 15.44
CA LEU A 68 6.29 4.14 14.21
C LEU A 68 7.25 3.01 13.83
N ASP A 69 7.54 2.12 14.78
CA ASP A 69 8.29 0.91 14.45
C ASP A 69 7.44 -0.04 13.62
N HIS A 70 6.12 0.07 13.76
CA HIS A 70 5.18 -0.82 13.07
C HIS A 70 4.61 -0.19 11.80
N ILE A 71 4.20 1.06 11.93
CA ILE A 71 3.47 1.76 10.88
C ILE A 71 4.30 2.91 10.32
N LYS A 72 4.68 2.81 9.05
CA LYS A 72 5.61 3.77 8.48
C LYS A 72 4.94 5.04 7.94
N HIS A 73 3.65 4.97 7.65
CA HIS A 73 2.92 6.14 7.19
C HIS A 73 1.59 6.29 7.90
N PRO A 74 1.61 6.85 9.13
CA PRO A 74 0.38 7.04 9.90
C PRO A 74 -0.58 7.97 9.19
N MET A 75 -1.87 7.77 9.44
CA MET A 75 -2.87 8.64 8.87
C MET A 75 -4.11 8.62 9.76
N ASP A 76 -4.89 9.69 9.66
CA ASP A 76 -6.10 9.85 10.46
C ASP A 76 -6.95 10.93 9.83
N PHE A 77 -8.19 11.05 10.27
CA PHE A 77 -9.11 12.00 9.65
C PHE A 77 -8.69 13.46 9.85
N ALA A 78 -8.12 13.80 11.00
CA ALA A 78 -7.71 15.19 11.23
C ALA A 78 -6.58 15.58 10.30
N THR A 79 -5.63 14.67 10.11
CA THR A 79 -4.51 14.94 9.23
C THR A 79 -5.02 15.10 7.79
N MET A 80 -5.98 14.26 7.39
CA MET A 80 -6.59 14.39 6.05
C MET A 80 -7.26 15.74 5.86
N ARG A 81 -7.95 16.20 6.89
CA ARG A 81 -8.67 17.46 6.80
C ARG A 81 -7.71 18.64 6.66
N LYS A 82 -6.56 18.55 7.34
CA LYS A 82 -5.54 19.59 7.21
C LYS A 82 -5.09 19.70 5.76
N ARG A 83 -4.75 18.56 5.17
CA ARG A 83 -4.30 18.53 3.78
C ARG A 83 -5.40 18.99 2.84
N LEU A 84 -6.63 18.59 3.14
CA LEU A 84 -7.77 18.94 2.32
C LEU A 84 -7.96 20.45 2.21
N GLU A 85 -7.89 21.14 3.35
CA GLU A 85 -8.17 22.57 3.36
C GLU A 85 -7.00 23.38 2.81
N ALA A 86 -5.84 22.75 2.70
CA ALA A 86 -4.71 23.35 2.02
C ALA A 86 -4.78 23.04 0.52
N GLN A 87 -5.92 22.49 0.10
CA GLN A 87 -6.13 22.02 -1.27
C GLN A 87 -4.98 21.10 -1.75
N GLY A 88 -4.60 20.18 -0.88
CA GLY A 88 -3.47 19.30 -1.13
C GLY A 88 -3.82 17.96 -1.78
N TYR A 89 -5.11 17.73 -2.06
CA TYR A 89 -5.50 16.56 -2.84
C TYR A 89 -5.78 16.97 -4.29
N LYS A 90 -4.92 16.55 -5.21
CA LYS A 90 -5.04 16.96 -6.61
C LYS A 90 -6.09 16.17 -7.39
N ASN A 91 -6.41 14.98 -6.89
CA ASN A 91 -7.39 14.12 -7.52
C ASN A 91 -7.97 13.18 -6.47
N LEU A 92 -9.03 12.45 -6.82
CA LEU A 92 -9.67 11.53 -5.88
C LEU A 92 -8.74 10.39 -5.45
N HIS A 93 -7.90 9.94 -6.37
CA HIS A 93 -6.98 8.84 -6.06
C HIS A 93 -6.09 9.17 -4.86
N GLU A 94 -5.55 10.38 -4.82
CA GLU A 94 -4.68 10.79 -3.70
C GLU A 94 -5.45 10.73 -2.37
N PHE A 95 -6.70 11.17 -2.40
CA PHE A 95 -7.58 11.19 -1.23
C PHE A 95 -7.87 9.77 -0.78
N GLU A 96 -8.21 8.91 -1.73
CA GLU A 96 -8.46 7.50 -1.42
C GLU A 96 -7.23 6.80 -0.82
N GLU A 97 -6.04 7.16 -1.31
N GLU A 97 -6.04 7.16 -1.27
CA GLU A 97 -4.81 6.58 -0.79
CA GLU A 97 -4.84 6.50 -0.76
C GLU A 97 -4.71 6.81 0.72
C GLU A 97 -4.56 6.85 0.71
N ASP A 98 -5.01 8.03 1.13
CA ASP A 98 -4.94 8.38 2.56
C ASP A 98 -6.02 7.68 3.36
N PHE A 99 -7.23 7.57 2.79
CA PHE A 99 -8.31 6.86 3.49
C PHE A 99 -7.90 5.41 3.68
N ASP A 100 -7.34 4.83 2.63
CA ASP A 100 -6.90 3.43 2.70
C ASP A 100 -5.82 3.25 3.75
N LEU A 101 -4.94 4.24 3.91
CA LEU A 101 -3.92 4.17 4.95
C LEU A 101 -4.53 4.08 6.35
N ILE A 102 -5.58 4.85 6.60
CA ILE A 102 -6.23 4.81 7.91
C ILE A 102 -6.67 3.37 8.23
N ILE A 103 -7.34 2.75 7.27
CA ILE A 103 -7.84 1.38 7.40
CA ILE A 103 -7.85 1.39 7.44
C ILE A 103 -6.74 0.33 7.49
N ASP A 104 -5.82 0.39 6.51
CA ASP A 104 -4.81 -0.65 6.42
C ASP A 104 -3.83 -0.61 7.59
N ASN A 105 -3.47 0.57 8.06
CA ASN A 105 -2.58 0.69 9.23
C ASN A 105 -3.23 0.01 10.44
N CYS A 106 -4.51 0.29 10.62
CA CYS A 106 -5.25 -0.24 11.76
C CYS A 106 -5.35 -1.77 11.72
N MET A 107 -5.59 -2.32 10.53
CA MET A 107 -5.77 -3.74 10.40
C MET A 107 -4.43 -4.49 10.49
N LYS A 108 -3.31 -3.76 10.42
CA LYS A 108 -2.04 -4.43 10.65
CA LYS A 108 -1.98 -4.34 10.65
C LYS A 108 -1.63 -4.34 12.13
N TYR A 109 -1.76 -3.16 12.73
CA TYR A 109 -1.31 -2.96 14.10
C TYR A 109 -2.16 -3.71 15.10
N ASN A 110 -3.44 -3.77 14.81
CA ASN A 110 -4.37 -4.40 15.75
C ASN A 110 -4.80 -5.78 15.29
N ALA A 111 -5.00 -6.67 16.25
CA ALA A 111 -5.40 -8.03 15.90
C ALA A 111 -6.86 -8.06 15.53
N ARG A 112 -7.21 -9.12 14.80
CA ARG A 112 -8.55 -9.36 14.30
C ARG A 112 -9.67 -9.27 15.36
N ASP A 113 -9.35 -9.66 16.60
CA ASP A 113 -10.38 -9.75 17.64
C ASP A 113 -10.44 -8.49 18.51
N THR A 114 -10.09 -7.34 17.93
CA THR A 114 -10.10 -6.09 18.68
C THR A 114 -11.16 -5.14 18.15
N VAL A 115 -11.62 -4.24 19.01
CA VAL A 115 -12.60 -3.24 18.63
C VAL A 115 -12.01 -2.33 17.55
N PHE A 116 -10.68 -2.13 17.60
CA PHE A 116 -10.01 -1.30 16.60
C PHE A 116 -10.06 -1.92 15.21
N TYR A 117 -9.67 -3.18 15.11
CA TYR A 117 -9.65 -3.86 13.82
C TYR A 117 -11.07 -3.90 13.26
N ARG A 118 -12.01 -4.25 14.13
CA ARG A 118 -13.39 -4.40 13.66
C ARG A 118 -13.96 -3.07 13.20
N ALA A 119 -13.56 -1.97 13.84
CA ALA A 119 -14.01 -0.65 13.43
C ALA A 119 -13.46 -0.29 12.04
N ALA A 120 -12.24 -0.70 11.75
CA ALA A 120 -11.66 -0.42 10.44
C ALA A 120 -12.39 -1.19 9.34
N VAL A 121 -12.75 -2.44 9.61
CA VAL A 121 -13.49 -3.27 8.66
C VAL A 121 -14.82 -2.60 8.32
N ARG A 122 -15.52 -2.17 9.36
CA ARG A 122 -16.83 -1.53 9.17
C ARG A 122 -16.71 -0.21 8.41
N LEU A 123 -15.68 0.57 8.71
CA LEU A 123 -15.43 1.82 7.99
C LEU A 123 -15.10 1.58 6.51
N ARG A 124 -14.28 0.57 6.25
CA ARG A 124 -13.95 0.17 4.89
CA ARG A 124 -13.96 0.20 4.87
C ARG A 124 -15.20 -0.22 4.09
N ASP A 125 -16.02 -1.09 4.69
CA ASP A 125 -17.19 -1.60 3.99
C ASP A 125 -18.20 -0.48 3.72
N GLN A 126 -18.49 0.32 4.73
CA GLN A 126 -19.48 1.38 4.59
C GLN A 126 -18.98 2.53 3.72
N GLY A 127 -17.67 2.77 3.77
CA GLY A 127 -17.07 3.85 3.00
C GLY A 127 -17.06 3.55 1.51
N GLY A 128 -17.07 2.27 1.17
CA GLY A 128 -17.02 1.84 -0.21
C GLY A 128 -18.14 2.42 -1.04
N VAL A 129 -19.33 2.48 -0.44
CA VAL A 129 -20.51 3.04 -1.08
C VAL A 129 -20.28 4.50 -1.47
N VAL A 130 -19.79 5.27 -0.51
CA VAL A 130 -19.54 6.70 -0.67
C VAL A 130 -18.49 6.95 -1.73
N LEU A 131 -17.43 6.16 -1.70
CA LEU A 131 -16.34 6.33 -2.64
C LEU A 131 -16.70 5.89 -4.06
N ARG A 132 -17.59 4.91 -4.18
CA ARG A 132 -18.07 4.49 -5.49
C ARG A 132 -18.82 5.62 -6.19
N GLN A 133 -19.66 6.34 -5.45
CA GLN A 133 -20.43 7.43 -6.02
C GLN A 133 -19.52 8.63 -6.31
N ALA A 134 -18.59 8.90 -5.40
CA ALA A 134 -17.66 10.01 -5.57
C ALA A 134 -16.87 9.88 -6.86
N ARG A 135 -16.41 8.67 -7.18
CA ARG A 135 -15.66 8.42 -8.40
C ARG A 135 -16.51 8.76 -9.63
N ARG A 136 -17.75 8.31 -9.63
CA ARG A 136 -18.68 8.66 -10.71
C ARG A 136 -18.86 10.17 -10.83
N GLU A 137 -18.98 10.86 -9.69
CA GLU A 137 -19.22 12.31 -9.69
C GLU A 137 -18.03 13.12 -10.17
N VAL A 138 -16.83 12.69 -9.77
CA VAL A 138 -15.60 13.35 -10.19
C VAL A 138 -15.42 13.20 -11.70
N ASP A 139 -15.67 11.99 -12.20
CA ASP A 139 -15.66 11.73 -13.64
C ASP A 139 -16.74 12.54 -14.36
N SER A 140 -17.94 12.55 -13.78
CA SER A 140 -19.07 13.24 -14.38
C SER A 140 -18.83 14.74 -14.51
N ILE A 141 -18.57 15.40 -13.38
CA ILE A 141 -18.31 16.83 -13.38
C ILE A 141 -16.99 17.15 -14.09
N GLY A 142 -16.14 16.16 -14.24
CA GLY A 142 -14.88 16.33 -14.95
C GLY A 142 -13.67 16.40 -14.03
N SER B 22 15.18 -1.92 -36.20
CA SER B 22 15.48 -0.52 -35.91
C SER B 22 16.26 -0.40 -34.61
N MET B 23 16.98 0.69 -34.44
CA MET B 23 17.75 0.89 -33.22
C MET B 23 16.82 1.16 -32.05
N GLU B 24 15.61 1.65 -32.34
CA GLU B 24 14.58 1.82 -31.32
C GLU B 24 14.15 0.46 -30.74
N GLN B 25 14.02 -0.56 -31.59
CA GLN B 25 13.71 -1.90 -31.13
C GLN B 25 14.84 -2.47 -30.29
N VAL B 26 16.07 -2.23 -30.74
CA VAL B 26 17.24 -2.71 -30.03
C VAL B 26 17.27 -2.12 -28.62
N ALA B 27 17.04 -0.82 -28.53
CA ALA B 27 17.08 -0.17 -27.23
C ALA B 27 15.99 -0.71 -26.30
N MET B 28 14.80 -0.96 -26.84
CA MET B 28 13.70 -1.45 -26.02
C MET B 28 14.00 -2.85 -25.49
N GLU B 29 14.56 -3.70 -26.34
CA GLU B 29 14.91 -5.05 -25.90
C GLU B 29 16.03 -5.03 -24.86
N LEU B 30 17.00 -4.13 -25.02
CA LEU B 30 18.05 -4.00 -24.01
C LEU B 30 17.47 -3.54 -22.67
N ARG B 31 16.55 -2.59 -22.70
CA ARG B 31 15.96 -2.11 -21.45
C ARG B 31 15.17 -3.23 -20.77
N LEU B 32 14.48 -4.03 -21.57
CA LEU B 32 13.77 -5.21 -21.05
C LEU B 32 14.69 -6.21 -20.38
N THR B 33 15.80 -6.56 -21.04
CA THR B 33 16.65 -7.60 -20.51
C THR B 33 17.42 -7.08 -19.27
N GLU B 34 17.75 -5.80 -19.26
CA GLU B 34 18.45 -5.26 -18.11
C GLU B 34 17.54 -5.11 -16.90
N LEU B 35 16.28 -4.73 -17.14
CA LEU B 35 15.28 -4.74 -16.07
C LEU B 35 15.14 -6.13 -15.47
N THR B 36 15.01 -7.14 -16.33
CA THR B 36 14.87 -8.51 -15.83
C THR B 36 16.11 -8.96 -15.02
N ARG B 37 17.30 -8.64 -15.52
CA ARG B 37 18.53 -8.94 -14.78
CA ARG B 37 18.52 -8.96 -14.78
C ARG B 37 18.49 -8.33 -13.38
N LEU B 38 18.14 -7.06 -13.32
CA LEU B 38 18.05 -6.35 -12.04
C LEU B 38 17.02 -6.98 -11.11
N LEU B 39 15.80 -7.22 -11.62
CA LEU B 39 14.75 -7.76 -10.75
C LEU B 39 15.11 -9.16 -10.26
N ARG B 40 15.77 -9.95 -11.11
CA ARG B 40 16.17 -11.29 -10.69
C ARG B 40 17.13 -11.21 -9.51
N SER B 41 18.08 -10.28 -9.59
CA SER B 41 19.04 -10.08 -8.51
C SER B 41 18.35 -9.59 -7.23
N VAL B 42 17.41 -8.66 -7.39
CA VAL B 42 16.65 -8.14 -6.26
C VAL B 42 15.84 -9.26 -5.61
N LEU B 43 15.13 -10.05 -6.42
CA LEU B 43 14.35 -11.15 -5.84
C LEU B 43 15.24 -12.15 -5.08
N ASP B 44 16.41 -12.48 -5.65
N ASP B 44 16.40 -12.47 -5.66
CA ASP B 44 17.29 -13.41 -4.96
CA ASP B 44 17.35 -13.36 -5.01
C ASP B 44 17.81 -12.82 -3.65
C ASP B 44 17.74 -12.80 -3.66
N GLN B 45 18.08 -11.51 -3.63
CA GLN B 45 18.52 -10.84 -2.41
C GLN B 45 17.42 -10.87 -1.35
N LEU B 46 16.17 -10.69 -1.79
CA LEU B 46 15.07 -10.68 -0.84
C LEU B 46 14.85 -12.08 -0.28
N GLN B 47 14.78 -13.08 -1.15
CA GLN B 47 14.57 -14.46 -0.69
C GLN B 47 15.68 -14.98 0.19
N ASP B 48 16.92 -14.56 -0.07
CA ASP B 48 18.04 -15.06 0.73
CA ASP B 48 18.07 -15.01 0.72
C ASP B 48 17.91 -14.61 2.18
N LYS B 49 17.08 -13.60 2.43
CA LYS B 49 16.85 -13.12 3.79
C LYS B 49 15.70 -13.83 4.47
N ASP B 50 15.15 -14.84 3.79
CA ASP B 50 14.06 -15.64 4.36
C ASP B 50 14.45 -17.13 4.38
N PRO B 51 15.51 -17.48 5.13
CA PRO B 51 15.95 -18.88 5.12
C PRO B 51 14.94 -19.85 5.73
N ALA B 52 14.02 -19.35 6.56
CA ALA B 52 12.97 -20.19 7.12
C ALA B 52 11.87 -20.51 6.11
N ARG B 53 11.95 -19.88 4.93
CA ARG B 53 10.99 -20.09 3.84
CA ARG B 53 10.98 -20.10 3.85
C ARG B 53 9.56 -19.74 4.25
N ILE B 54 9.42 -18.75 5.13
CA ILE B 54 8.10 -18.29 5.56
C ILE B 54 7.30 -17.69 4.40
N PHE B 55 7.99 -17.02 3.48
CA PHE B 55 7.33 -16.32 2.37
C PHE B 55 7.62 -16.96 1.02
N ALA B 56 8.18 -18.16 1.04
CA ALA B 56 8.65 -18.80 -0.19
C ALA B 56 7.55 -19.29 -1.13
N GLN B 57 6.44 -19.74 -0.54
CA GLN B 57 5.34 -20.38 -1.25
C GLN B 57 4.02 -19.79 -0.77
N PRO B 58 2.95 -19.95 -1.56
CA PRO B 58 1.62 -19.50 -1.09
C PRO B 58 1.26 -20.11 0.26
N VAL B 59 0.61 -19.34 1.10
CA VAL B 59 0.08 -19.86 2.36
C VAL B 59 -0.85 -21.03 2.05
N SER B 60 -0.69 -22.13 2.76
CA SER B 60 -1.49 -23.33 2.51
C SER B 60 -2.90 -23.22 3.10
N LEU B 61 -3.91 -23.40 2.25
CA LEU B 61 -5.29 -23.34 2.73
C LEU B 61 -5.63 -24.56 3.57
N LYS B 62 -4.91 -25.66 3.33
CA LYS B 62 -5.08 -26.85 4.15
C LYS B 62 -4.62 -26.55 5.57
N GLU B 63 -3.47 -25.88 5.68
CA GLU B 63 -2.90 -25.56 6.98
C GLU B 63 -3.55 -24.34 7.61
N VAL B 64 -4.04 -23.42 6.79
CA VAL B 64 -4.66 -22.18 7.27
C VAL B 64 -6.01 -21.96 6.58
N PRO B 65 -7.05 -22.67 7.04
CA PRO B 65 -8.33 -22.69 6.33
C PRO B 65 -9.03 -21.33 6.24
N ASP B 66 -8.74 -20.42 7.17
CA ASP B 66 -9.45 -19.15 7.13
C ASP B 66 -8.66 -18.03 6.43
N TYR B 67 -7.55 -18.37 5.79
CA TYR B 67 -6.67 -17.32 5.24
C TYR B 67 -7.36 -16.37 4.25
N LEU B 68 -8.12 -16.93 3.30
CA LEU B 68 -8.79 -16.12 2.30
C LEU B 68 -10.04 -15.39 2.82
N ASP B 69 -10.48 -15.71 4.04
CA ASP B 69 -11.52 -14.92 4.69
C ASP B 69 -11.02 -13.49 4.86
N HIS B 70 -9.72 -13.35 5.07
CA HIS B 70 -9.15 -12.07 5.47
C HIS B 70 -8.19 -11.49 4.44
N ILE B 71 -7.51 -12.34 3.69
CA ILE B 71 -6.54 -11.87 2.71
C ILE B 71 -7.09 -12.00 1.29
N LYS B 72 -7.32 -10.87 0.62
CA LYS B 72 -7.97 -10.90 -0.67
C LYS B 72 -7.02 -11.06 -1.86
N HIS B 73 -5.76 -10.69 -1.68
CA HIS B 73 -4.76 -10.93 -2.72
C HIS B 73 -3.46 -11.56 -2.20
N PRO B 74 -3.43 -12.89 -2.07
CA PRO B 74 -2.25 -13.59 -1.57
C PRO B 74 -1.03 -13.40 -2.47
N MET B 75 0.15 -13.35 -1.86
CA MET B 75 1.38 -13.24 -2.63
C MET B 75 2.52 -13.94 -1.89
N ASP B 76 3.55 -14.32 -2.64
CA ASP B 76 4.68 -15.08 -2.14
C ASP B 76 5.81 -15.02 -3.15
N PHE B 77 7.02 -15.42 -2.73
CA PHE B 77 8.18 -15.26 -3.59
C PHE B 77 8.13 -16.14 -4.84
N ALA B 78 7.55 -17.33 -4.74
CA ALA B 78 7.48 -18.20 -5.92
C ALA B 78 6.57 -17.61 -6.99
N THR B 79 5.46 -17.02 -6.56
CA THR B 79 4.51 -16.39 -7.45
C THR B 79 5.15 -15.15 -8.09
N MET B 80 5.97 -14.43 -7.33
CA MET B 80 6.73 -13.33 -7.92
C MET B 80 7.75 -13.81 -8.95
N ARG B 81 8.41 -14.93 -8.65
CA ARG B 81 9.44 -15.42 -9.57
C ARG B 81 8.79 -15.83 -10.89
N LYS B 82 7.62 -16.46 -10.78
CA LYS B 82 6.87 -16.87 -11.95
C LYS B 82 6.54 -15.66 -12.84
N ARG B 83 6.03 -14.61 -12.20
CA ARG B 83 5.68 -13.39 -12.91
C ARG B 83 6.91 -12.76 -13.56
N LEU B 84 8.01 -12.68 -12.81
CA LEU B 84 9.26 -12.12 -13.33
C LEU B 84 9.77 -12.85 -14.56
N GLU B 85 9.85 -14.17 -14.50
CA GLU B 85 10.45 -14.95 -15.57
C GLU B 85 9.55 -15.00 -16.79
N ALA B 86 8.27 -14.72 -16.58
CA ALA B 86 7.30 -14.67 -17.67
C ALA B 86 7.19 -13.28 -18.31
N GLN B 87 8.12 -12.40 -17.97
CA GLN B 87 8.13 -11.03 -18.46
C GLN B 87 6.90 -10.23 -18.02
N GLY B 88 6.38 -10.53 -16.82
CA GLY B 88 5.17 -9.90 -16.31
C GLY B 88 5.33 -8.65 -15.47
N TYR B 89 6.58 -8.27 -15.19
CA TYR B 89 6.83 -6.99 -14.54
C TYR B 89 7.31 -5.96 -15.55
N LYS B 90 6.54 -4.91 -15.75
CA LYS B 90 6.88 -3.86 -16.71
C LYS B 90 7.92 -2.88 -16.16
N ASN B 91 7.94 -2.74 -14.84
CA ASN B 91 8.85 -1.80 -14.18
C ASN B 91 9.08 -2.18 -12.72
N LEU B 92 9.99 -1.48 -12.06
CA LEU B 92 10.34 -1.80 -10.67
C LEU B 92 9.15 -1.62 -9.74
N HIS B 93 8.33 -0.60 -10.01
CA HIS B 93 7.17 -0.33 -9.15
C HIS B 93 6.22 -1.52 -9.06
N GLU B 94 5.94 -2.17 -10.18
CA GLU B 94 5.05 -3.34 -10.18
C GLU B 94 5.62 -4.48 -9.32
N PHE B 95 6.93 -4.62 -9.37
CA PHE B 95 7.64 -5.60 -8.55
C PHE B 95 7.51 -5.23 -7.06
N GLU B 96 7.77 -3.95 -6.75
CA GLU B 96 7.65 -3.44 -5.39
CA GLU B 96 7.65 -3.44 -5.39
C GLU B 96 6.24 -3.66 -4.82
N GLU B 97 5.23 -3.47 -5.65
CA GLU B 97 3.86 -3.67 -5.18
C GLU B 97 3.60 -5.11 -4.75
N ASP B 98 4.15 -6.08 -5.47
CA ASP B 98 3.97 -7.48 -5.09
C ASP B 98 4.73 -7.78 -3.78
N PHE B 99 5.94 -7.22 -3.64
CA PHE B 99 6.69 -7.42 -2.39
C PHE B 99 5.90 -6.82 -1.22
N ASP B 100 5.35 -5.63 -1.42
CA ASP B 100 4.54 -5.02 -0.36
C ASP B 100 3.32 -5.90 -0.01
N LEU B 101 2.73 -6.58 -0.98
CA LEU B 101 1.64 -7.49 -0.70
C LEU B 101 2.07 -8.60 0.27
N ILE B 102 3.23 -9.18 0.01
CA ILE B 102 3.76 -10.24 0.88
C ILE B 102 3.82 -9.74 2.32
N ILE B 103 4.42 -8.56 2.49
CA ILE B 103 4.62 -7.97 3.81
C ILE B 103 3.28 -7.56 4.45
N ASP B 104 2.47 -6.84 3.69
CA ASP B 104 1.22 -6.32 4.24
C ASP B 104 0.26 -7.45 4.60
N ASN B 105 0.18 -8.47 3.76
CA ASN B 105 -0.71 -9.60 4.05
C ASN B 105 -0.33 -10.27 5.37
N CYS B 106 0.97 -10.42 5.55
CA CYS B 106 1.50 -11.06 6.76
C CYS B 106 1.23 -10.22 8.01
N MET B 107 1.42 -8.90 7.90
CA MET B 107 1.17 -8.01 9.04
C MET B 107 -0.32 -7.89 9.34
N LYS B 108 -1.16 -8.05 8.31
CA LYS B 108 -2.61 -8.01 8.49
CA LYS B 108 -2.61 -8.02 8.49
C LYS B 108 -3.14 -9.30 9.13
N TYR B 109 -2.66 -10.45 8.63
CA TYR B 109 -3.16 -11.73 9.11
C TYR B 109 -2.69 -12.11 10.51
N ASN B 110 -1.44 -11.77 10.83
CA ASN B 110 -0.86 -12.19 12.10
C ASN B 110 -0.86 -11.08 13.15
N ALA B 111 -1.03 -11.46 14.42
CA ALA B 111 -0.97 -10.47 15.49
C ALA B 111 0.46 -9.95 15.66
N ARG B 112 0.62 -8.73 16.17
CA ARG B 112 1.96 -8.14 16.16
C ARG B 112 2.95 -8.87 17.07
N ASP B 113 2.47 -9.45 18.17
CA ASP B 113 3.35 -10.20 19.05
C ASP B 113 3.44 -11.66 18.62
N THR B 114 3.87 -11.89 17.37
CA THR B 114 4.05 -13.24 16.82
C THR B 114 5.34 -13.30 15.99
N VAL B 115 5.85 -14.51 15.78
CA VAL B 115 7.09 -14.69 15.06
C VAL B 115 6.92 -14.33 13.57
N PHE B 116 5.78 -14.68 12.98
N PHE B 116 5.79 -14.70 13.00
CA PHE B 116 5.60 -14.38 11.56
CA PHE B 116 5.52 -14.39 11.59
C PHE B 116 5.39 -12.89 11.31
C PHE B 116 5.43 -12.90 11.35
N TYR B 117 4.71 -12.19 12.21
CA TYR B 117 4.58 -10.73 12.09
C TYR B 117 5.95 -10.09 12.18
N ARG B 118 6.74 -10.49 13.17
CA ARG B 118 8.05 -9.90 13.31
C ARG B 118 8.95 -10.24 12.12
N ALA B 119 8.76 -11.42 11.50
CA ALA B 119 9.53 -11.76 10.30
C ALA B 119 9.19 -10.78 9.18
N ALA B 120 7.90 -10.46 9.04
CA ALA B 120 7.49 -9.50 8.00
C ALA B 120 8.08 -8.11 8.23
N VAL B 121 8.09 -7.64 9.47
CA VAL B 121 8.69 -6.34 9.78
C VAL B 121 10.19 -6.35 9.48
N ARG B 122 10.85 -7.44 9.85
CA ARG B 122 12.27 -7.60 9.56
C ARG B 122 12.54 -7.55 8.05
N LEU B 123 11.79 -8.34 7.29
CA LEU B 123 11.96 -8.39 5.85
C LEU B 123 11.57 -7.06 5.17
N ARG B 124 10.55 -6.40 5.71
CA ARG B 124 10.19 -5.08 5.18
C ARG B 124 11.34 -4.08 5.31
N ASP B 125 11.99 -4.02 6.47
N ASP B 125 12.01 -4.06 6.44
CA ASP B 125 13.16 -3.15 6.69
CA ASP B 125 13.05 -3.08 6.64
C ASP B 125 14.25 -3.49 5.71
C ASP B 125 14.35 -3.45 5.90
N GLN B 126 14.63 -4.75 5.74
CA GLN B 126 15.76 -5.20 4.93
C GLN B 126 15.45 -4.98 3.45
N GLY B 127 14.22 -5.30 3.06
CA GLY B 127 13.80 -5.17 1.68
C GLY B 127 13.72 -3.72 1.22
N GLY B 128 13.35 -2.83 2.13
CA GLY B 128 13.27 -1.42 1.79
C GLY B 128 14.62 -0.91 1.32
N VAL B 129 15.67 -1.35 1.99
CA VAL B 129 17.01 -0.92 1.62
C VAL B 129 17.39 -1.49 0.26
N VAL B 130 17.15 -2.78 0.06
CA VAL B 130 17.41 -3.43 -1.23
C VAL B 130 16.67 -2.71 -2.35
N LEU B 131 15.41 -2.35 -2.11
CA LEU B 131 14.59 -1.75 -3.15
C LEU B 131 14.97 -0.28 -3.41
N ARG B 132 15.42 0.42 -2.38
CA ARG B 132 15.90 1.80 -2.62
C ARG B 132 17.18 1.76 -3.47
N GLN B 133 18.01 0.75 -3.26
CA GLN B 133 19.22 0.58 -4.07
C GLN B 133 18.85 0.20 -5.50
N ALA B 134 17.82 -0.65 -5.63
CA ALA B 134 17.35 -1.02 -6.96
C ALA B 134 16.86 0.20 -7.73
N ARG B 135 16.24 1.15 -7.02
CA ARG B 135 15.75 2.36 -7.68
C ARG B 135 16.93 3.20 -8.15
N ARG B 136 17.99 3.27 -7.37
CA ARG B 136 19.22 3.97 -7.78
C ARG B 136 19.78 3.33 -9.04
N GLU B 137 19.74 1.99 -9.11
CA GLU B 137 20.23 1.26 -10.28
C GLU B 137 19.35 1.45 -11.52
N VAL B 138 18.03 1.49 -11.33
CA VAL B 138 17.12 1.81 -12.42
C VAL B 138 17.49 3.17 -13.04
N ASP B 139 17.73 4.16 -12.18
CA ASP B 139 18.09 5.48 -12.68
C ASP B 139 19.47 5.51 -13.35
N SER B 140 20.44 4.82 -12.77
CA SER B 140 21.80 4.78 -13.31
C SER B 140 21.89 4.04 -14.64
N ILE B 141 21.14 2.95 -14.76
CA ILE B 141 21.16 2.14 -15.98
C ILE B 141 20.30 2.78 -17.09
N GLY B 142 19.30 3.56 -16.68
CA GLY B 142 18.39 4.23 -17.62
C GLY B 142 17.20 3.39 -18.05
N LEU B 143 16.65 2.62 -17.13
CA LEU B 143 15.63 1.64 -17.47
C LEU B 143 14.24 2.25 -17.72
N GLU B 144 14.00 3.45 -17.18
CA GLU B 144 12.70 4.09 -17.37
C GLU B 144 12.76 5.30 -18.30
C1 EDO C . -3.78 1.94 18.04
O1 EDO C . -4.09 1.35 16.77
C2 EDO C . -4.51 1.17 19.14
O2 EDO C . -3.90 -0.11 19.31
C1 EDO D . -6.74 2.70 15.80
O1 EDO D . -6.87 3.36 17.07
C2 EDO D . -6.31 3.73 14.76
O2 EDO D . -5.69 3.07 13.66
C01 PW3 E . -6.18 3.81 15.38
C02 PW3 E . -5.53 2.71 16.17
N03 PW3 E . -5.31 2.86 17.48
C04 PW3 E . -5.59 4.15 18.13
C05 PW3 E . -5.72 4.00 19.62
N06 PW3 E . -4.62 3.23 20.15
C07 PW3 E . -4.25 2.09 19.57
C08 PW3 E . -4.74 1.73 18.21
O09 PW3 E . -3.49 1.31 20.17
O10 PW3 E . -5.18 1.67 15.63
NA NA F . -1.48 -7.68 12.68
C1 EDO G . 1.74 -15.55 7.29
O1 EDO G . 0.71 -16.35 7.87
C2 EDO G . 2.76 -16.44 6.58
O2 EDO G . 3.32 -15.72 5.48
C1 EDO H . 11.22 0.47 -5.50
O1 EDO H . 10.44 1.01 -6.56
C2 EDO H . 12.04 1.58 -4.85
O2 EDO H . 11.34 2.82 -5.02
C01 PW3 I . 3.24 -15.86 6.40
C02 PW3 I . 1.92 -16.18 7.02
N03 PW3 I . 1.61 -17.45 7.33
C04 PW3 I . 2.57 -18.52 7.02
C05 PW3 I . 1.92 -19.86 7.22
N06 PW3 I . 1.35 -19.90 8.56
C07 PW3 I . 0.58 -18.89 8.94
C08 PW3 I . 0.33 -17.78 7.96
O09 PW3 I . 0.09 -18.85 10.07
O10 PW3 I . 1.13 -15.27 7.24
#